data_4CFI
#
_entry.id   4CFI
#
_cell.length_a   23.470
_cell.length_b   72.780
_cell.length_c   125.570
_cell.angle_alpha   90.00
_cell.angle_beta   90.00
_cell.angle_gamma   90.00
#
_symmetry.space_group_name_H-M   'P 21 21 21'
#
loop_
_entity.id
_entity.type
_entity.pdbx_description
1 polymer FLAGELLIN
2 water water
#
_entity_poly.entity_id   1
_entity_poly.type   'polypeptide(L)'
_entity_poly.pdbx_seq_one_letter_code
;DGVSILQTASSGLTSLTNSLQRIRQLAVQASNGPLSASDASALQQEVAQQISEVNRIASQTNYNGKNILDGSAGTLSFQV
GANVGQTVSVDLTQSMSAAKIGGGMVQTGQTLGTIKVAIDSSGAAWSSGSTGQETTQINVVSDGKGGFTFTDQNNQALSS
TAVTAVFGSSTAGTGTAASPSFQTLALSTSATSALSATDQANATAMVAQINAVNKPQTVSNLDISTQTGAYQAMVSIDNA
LATVNNLQATLGAAQNRF
;
_entity_poly.pdbx_strand_id   A
#
# COMPACT_ATOMS: atom_id res chain seq x y z
N ASP A 1 28.27 -13.52 17.17
CA ASP A 1 26.91 -14.14 17.24
C ASP A 1 25.82 -13.09 16.93
N GLY A 2 25.33 -12.36 17.92
CA GLY A 2 24.20 -11.43 17.71
C GLY A 2 24.47 -10.34 16.70
N VAL A 3 25.61 -9.69 16.80
CA VAL A 3 25.96 -8.64 15.86
C VAL A 3 26.02 -9.19 14.43
N SER A 4 26.63 -10.36 14.25
N SER A 4 26.64 -10.36 14.27
CA SER A 4 26.75 -10.95 12.91
CA SER A 4 26.77 -11.03 12.98
C SER A 4 25.39 -11.39 12.34
C SER A 4 25.43 -11.42 12.37
N ILE A 5 24.54 -11.98 13.19
CA ILE A 5 23.20 -12.36 12.75
C ILE A 5 22.42 -11.13 12.30
N LEU A 6 22.52 -10.06 13.07
N LEU A 6 22.49 -10.06 13.08
CA LEU A 6 21.83 -8.81 12.73
CA LEU A 6 21.80 -8.81 12.74
C LEU A 6 22.33 -8.25 11.41
C LEU A 6 22.31 -8.27 11.42
N GLN A 7 23.64 -8.33 11.16
N GLN A 7 23.61 -8.36 11.20
CA GLN A 7 24.20 -7.87 9.90
CA GLN A 7 24.21 -7.87 9.96
C GLN A 7 23.68 -8.68 8.74
C GLN A 7 23.75 -8.68 8.74
N THR A 8 23.60 -9.99 8.92
CA THR A 8 23.13 -10.87 7.85
C THR A 8 21.68 -10.54 7.51
N ALA A 9 20.85 -10.34 8.52
CA ALA A 9 19.48 -9.95 8.29
C ALA A 9 19.41 -8.60 7.57
N SER A 10 20.19 -7.62 8.05
N SER A 10 20.21 -7.63 8.04
CA SER A 10 20.15 -6.27 7.47
CA SER A 10 20.24 -6.29 7.45
C SER A 10 20.63 -6.25 6.03
C SER A 10 20.58 -6.33 5.97
N SER A 11 21.61 -7.10 5.72
N SER A 11 21.62 -7.08 5.60
CA SER A 11 22.05 -7.26 4.34
CA SER A 11 22.01 -7.19 4.20
C SER A 11 20.90 -7.74 3.45
C SER A 11 20.94 -7.82 3.34
N GLY A 12 20.21 -8.79 3.88
CA GLY A 12 19.07 -9.32 3.17
C GLY A 12 18.00 -8.26 2.96
N LEU A 13 17.74 -7.46 3.99
CA LEU A 13 16.75 -6.38 3.86
C LEU A 13 17.16 -5.35 2.82
N THR A 14 18.44 -5.05 2.74
CA THR A 14 18.94 -4.13 1.70
C THR A 14 18.74 -4.72 0.31
N SER A 15 19.00 -6.02 0.15
CA SER A 15 18.67 -6.68 -1.12
C SER A 15 17.19 -6.56 -1.45
N LEU A 16 16.36 -6.78 -0.46
N LEU A 16 16.33 -6.78 -0.46
CA LEU A 16 14.92 -6.67 -0.62
CA LEU A 16 14.89 -6.63 -0.64
C LEU A 16 14.53 -5.24 -1.04
C LEU A 16 14.56 -5.22 -1.09
N THR A 17 15.11 -4.23 -0.41
CA THR A 17 14.86 -2.82 -0.79
C THR A 17 15.20 -2.59 -2.28
N ASN A 18 16.32 -3.12 -2.75
CA ASN A 18 16.67 -2.98 -4.17
C ASN A 18 15.55 -3.51 -5.08
N SER A 19 15.04 -4.71 -4.78
CA SER A 19 14.02 -5.33 -5.63
C SER A 19 12.67 -4.62 -5.53
N LEU A 20 12.31 -4.16 -4.33
CA LEU A 20 11.05 -3.42 -4.16
C LEU A 20 11.12 -2.06 -4.86
N GLN A 21 12.24 -1.34 -4.71
CA GLN A 21 12.45 -0.05 -5.39
C GLN A 21 12.40 -0.25 -6.92
N ARG A 22 12.85 -1.40 -7.41
CA ARG A 22 12.81 -1.71 -8.84
C ARG A 22 11.38 -1.91 -9.30
N ILE A 23 10.57 -2.65 -8.54
CA ILE A 23 9.17 -2.86 -8.90
C ILE A 23 8.45 -1.50 -8.96
N ARG A 24 8.77 -0.58 -8.04
N ARG A 24 8.74 -0.58 -8.03
CA ARG A 24 8.18 0.79 -8.06
CA ARG A 24 8.13 0.76 -8.08
C ARG A 24 8.45 1.49 -9.39
C ARG A 24 8.46 1.43 -9.41
N GLN A 25 9.71 1.50 -9.82
N GLN A 25 9.74 1.37 -9.79
CA GLN A 25 10.04 2.19 -11.07
CA GLN A 25 10.20 2.02 -11.01
C GLN A 25 9.33 1.52 -12.25
C GLN A 25 9.44 1.49 -12.22
N LEU A 26 9.24 0.18 -12.27
CA LEU A 26 8.53 -0.49 -13.36
C LEU A 26 7.03 -0.13 -13.38
N ALA A 27 6.43 -0.10 -12.20
CA ALA A 27 5.04 0.29 -12.10
C ALA A 27 4.80 1.72 -12.58
N VAL A 28 5.70 2.65 -12.24
CA VAL A 28 5.64 4.02 -12.75
C VAL A 28 5.70 4.01 -14.27
N GLN A 29 6.65 3.27 -14.82
CA GLN A 29 6.80 3.15 -16.27
C GLN A 29 5.53 2.62 -16.93
N ALA A 30 4.88 1.66 -16.28
CA ALA A 30 3.71 1.00 -16.85
C ALA A 30 2.46 1.86 -16.76
N SER A 31 2.48 2.90 -15.94
CA SER A 31 1.27 3.66 -15.70
C SER A 31 1.26 5.05 -16.37
N ASN A 32 2.31 5.38 -17.11
CA ASN A 32 2.49 6.74 -17.64
C ASN A 32 1.61 7.09 -18.85
N GLY A 33 1.30 6.11 -19.68
CA GLY A 33 0.44 6.36 -20.84
C GLY A 33 0.00 5.02 -21.37
N PRO A 34 -0.74 5.02 -22.51
CA PRO A 34 -1.18 3.72 -22.99
C PRO A 34 -0.01 2.85 -23.46
N LEU A 35 -0.20 1.54 -23.30
CA LEU A 35 0.84 0.56 -23.51
C LEU A 35 0.38 -0.44 -24.51
N SER A 36 1.29 -0.86 -25.39
CA SER A 36 1.01 -1.99 -26.25
C SER A 36 0.99 -3.27 -25.43
N ALA A 37 0.37 -4.31 -25.97
CA ALA A 37 0.36 -5.60 -25.30
C ALA A 37 1.78 -6.13 -25.07
N SER A 38 2.65 -5.97 -26.07
N SER A 38 2.67 -5.96 -26.04
N SER A 38 2.66 -5.96 -26.06
CA SER A 38 4.05 -6.39 -25.96
CA SER A 38 4.03 -6.45 -25.89
CA SER A 38 4.04 -6.43 -25.94
C SER A 38 4.76 -5.67 -24.83
C SER A 38 4.83 -5.65 -24.86
C SER A 38 4.79 -5.66 -24.85
N ASP A 39 4.60 -4.34 -24.78
CA ASP A 39 5.25 -3.54 -23.75
C ASP A 39 4.73 -3.88 -22.36
N ALA A 40 3.42 -4.10 -22.23
CA ALA A 40 2.84 -4.48 -20.95
C ALA A 40 3.38 -5.82 -20.49
N SER A 41 3.47 -6.78 -21.40
N SER A 41 3.49 -6.78 -21.40
CA SER A 41 4.03 -8.11 -21.12
CA SER A 41 4.03 -8.10 -21.06
C SER A 41 5.49 -8.00 -20.66
C SER A 41 5.51 -8.04 -20.69
N ALA A 42 6.28 -7.21 -21.38
CA ALA A 42 7.70 -7.05 -21.05
C ALA A 42 7.88 -6.42 -19.66
N LEU A 43 7.10 -5.38 -19.36
CA LEU A 43 7.16 -4.75 -18.04
C LEU A 43 6.78 -5.73 -16.93
N GLN A 44 5.75 -6.53 -17.15
CA GLN A 44 5.33 -7.48 -16.13
C GLN A 44 6.35 -8.61 -15.96
N GLN A 45 7.00 -9.04 -17.03
CA GLN A 45 8.09 -9.99 -16.90
C GLN A 45 9.18 -9.45 -15.96
N GLU A 46 9.52 -8.17 -16.10
CA GLU A 46 10.53 -7.58 -15.20
C GLU A 46 10.06 -7.61 -13.73
N VAL A 47 8.76 -7.35 -13.51
CA VAL A 47 8.21 -7.45 -12.16
C VAL A 47 8.31 -8.88 -11.66
N ALA A 48 7.97 -9.84 -12.49
CA ALA A 48 8.04 -11.24 -12.08
C ALA A 48 9.47 -11.63 -11.70
N GLN A 49 10.47 -11.13 -12.44
CA GLN A 49 11.87 -11.40 -12.07
C GLN A 49 12.17 -10.86 -10.68
N GLN A 50 11.66 -9.67 -10.37
CA GLN A 50 11.91 -9.08 -9.05
C GLN A 50 11.19 -9.85 -7.95
N ILE A 51 9.97 -10.30 -8.21
CA ILE A 51 9.24 -11.11 -7.25
C ILE A 51 10.02 -12.39 -6.95
N SER A 52 10.60 -13.00 -7.97
N SER A 52 10.60 -13.00 -7.97
CA SER A 52 11.44 -14.19 -7.78
CA SER A 52 11.42 -14.19 -7.76
C SER A 52 12.64 -13.89 -6.88
C SER A 52 12.61 -13.88 -6.86
N GLU A 53 13.25 -12.73 -7.07
CA GLU A 53 14.38 -12.34 -6.23
C GLU A 53 13.94 -12.09 -4.79
N VAL A 54 12.78 -11.46 -4.59
CA VAL A 54 12.21 -11.31 -3.24
C VAL A 54 12.07 -12.68 -2.56
N ASN A 55 11.48 -13.64 -3.27
CA ASN A 55 11.30 -14.97 -2.72
C ASN A 55 12.62 -15.69 -2.48
N ARG A 56 13.63 -15.44 -3.30
CA ARG A 56 14.95 -16.01 -3.06
C ARG A 56 15.56 -15.44 -1.79
N ILE A 57 15.49 -14.13 -1.64
CA ILE A 57 16.05 -13.50 -0.44
C ILE A 57 15.36 -14.07 0.82
N ALA A 58 14.04 -14.18 0.77
CA ALA A 58 13.28 -14.65 1.93
C ALA A 58 13.58 -16.12 2.26
N SER A 59 13.74 -16.96 1.25
CA SER A 59 13.97 -18.39 1.47
C SER A 59 15.43 -18.77 1.66
N GLN A 60 16.36 -17.88 1.33
CA GLN A 60 17.77 -18.24 1.36
C GLN A 60 18.64 -17.42 2.31
N THR A 61 18.17 -16.26 2.82
CA THR A 61 19.02 -15.48 3.71
C THR A 61 19.20 -16.29 4.99
N ASN A 62 20.44 -16.60 5.36
CA ASN A 62 20.67 -17.52 6.46
C ASN A 62 21.97 -17.21 7.18
N TYR A 63 22.01 -17.60 8.43
CA TYR A 63 23.23 -17.52 9.23
C TYR A 63 23.60 -18.91 9.66
N ASN A 64 24.79 -19.36 9.26
CA ASN A 64 25.25 -20.71 9.53
C ASN A 64 24.25 -21.79 9.12
N GLY A 65 23.52 -21.55 8.04
CA GLY A 65 22.59 -22.54 7.51
C GLY A 65 21.16 -22.40 8.00
N LYS A 66 20.92 -21.44 8.90
CA LYS A 66 19.60 -21.26 9.49
C LYS A 66 18.91 -20.02 8.93
N ASN A 67 17.73 -20.20 8.33
CA ASN A 67 17.00 -19.08 7.72
C ASN A 67 16.64 -18.02 8.76
N ILE A 68 16.77 -16.75 8.37
CA ILE A 68 16.47 -15.65 9.29
C ILE A 68 15.44 -14.62 8.77
N LEU A 69 15.03 -14.69 7.49
CA LEU A 69 14.07 -13.71 6.95
C LEU A 69 12.76 -14.31 6.45
N ASP A 70 12.48 -15.57 6.78
CA ASP A 70 11.21 -16.18 6.43
C ASP A 70 10.27 -16.37 7.62
N GLY A 71 10.56 -15.69 8.74
CA GLY A 71 9.75 -15.79 9.95
C GLY A 71 10.15 -16.95 10.86
N SER A 72 10.95 -17.88 10.34
CA SER A 72 11.21 -19.13 11.06
C SER A 72 12.20 -19.00 12.21
N ALA A 73 12.96 -17.91 12.25
CA ALA A 73 13.94 -17.71 13.33
C ALA A 73 13.30 -17.29 14.65
N GLY A 74 12.08 -16.75 14.59
CA GLY A 74 11.36 -16.33 15.78
C GLY A 74 12.00 -15.13 16.45
N THR A 75 11.96 -15.12 17.78
CA THR A 75 12.61 -14.07 18.57
C THR A 75 13.91 -14.63 19.12
N LEU A 76 15.01 -13.97 18.80
CA LEU A 76 16.33 -14.36 19.31
C LEU A 76 16.76 -13.45 20.46
N SER A 77 17.50 -14.02 21.42
N SER A 77 17.51 -14.03 21.40
CA SER A 77 17.96 -13.26 22.56
CA SER A 77 17.96 -13.32 22.60
C SER A 77 19.46 -13.45 22.77
C SER A 77 19.47 -13.47 22.79
N PHE A 78 20.13 -12.37 23.16
CA PHE A 78 21.60 -12.36 23.37
C PHE A 78 21.97 -11.68 24.67
N GLN A 79 22.93 -12.26 25.39
CA GLN A 79 23.40 -11.70 26.66
C GLN A 79 24.40 -10.57 26.40
N VAL A 80 24.11 -9.38 26.95
CA VAL A 80 24.93 -8.17 26.81
C VAL A 80 25.08 -7.57 28.21
N GLY A 81 26.04 -8.11 28.95
CA GLY A 81 26.25 -7.75 30.35
C GLY A 81 26.31 -9.01 31.20
N ALA A 82 26.53 -8.77 32.50
N ALA A 82 26.88 -8.90 32.39
CA ALA A 82 26.46 -9.78 33.54
CA ALA A 82 27.24 -10.09 33.16
C ALA A 82 25.14 -9.77 34.32
C ALA A 82 26.10 -10.56 34.04
N ASN A 83 24.31 -8.72 34.18
N ASN A 83 25.06 -9.74 34.13
CA ASN A 83 23.07 -8.71 34.95
CA ASN A 83 23.97 -9.95 35.10
C ASN A 83 22.14 -9.82 34.47
C ASN A 83 22.67 -10.50 34.50
N VAL A 84 21.52 -10.53 35.41
N VAL A 84 21.85 -11.10 35.36
CA VAL A 84 20.52 -11.51 35.02
CA VAL A 84 20.57 -11.69 34.96
C VAL A 84 19.45 -10.74 34.30
C VAL A 84 19.64 -10.72 34.21
N GLY A 85 19.09 -11.20 33.10
CA GLY A 85 18.11 -10.48 32.30
C GLY A 85 18.69 -9.36 31.44
N GLN A 86 20.01 -9.19 31.47
N GLN A 86 20.02 -9.18 31.50
CA GLN A 86 20.59 -8.19 30.60
CA GLN A 86 20.74 -8.21 30.65
C GLN A 86 20.81 -8.76 29.22
C GLN A 86 20.85 -8.75 29.20
N THR A 87 19.73 -8.75 28.47
CA THR A 87 19.67 -9.35 27.15
C THR A 87 19.08 -8.38 26.15
N VAL A 88 19.45 -8.58 24.88
CA VAL A 88 18.90 -7.86 23.75
C VAL A 88 18.12 -8.89 22.95
N SER A 89 16.85 -8.59 22.71
CA SER A 89 15.98 -9.47 21.95
C SER A 89 15.77 -8.89 20.57
N VAL A 90 15.69 -9.79 19.60
CA VAL A 90 15.51 -9.43 18.20
C VAL A 90 14.31 -10.21 17.65
N ASP A 91 13.27 -9.47 17.27
CA ASP A 91 12.05 -10.05 16.72
C ASP A 91 12.16 -10.29 15.21
N LEU A 92 12.42 -11.55 14.84
CA LEU A 92 12.47 -12.00 13.44
C LEU A 92 11.33 -12.95 13.11
N THR A 93 10.15 -12.63 13.64
CA THR A 93 8.98 -13.47 13.45
C THR A 93 8.23 -13.24 12.12
N GLN A 94 8.45 -12.10 11.47
N GLN A 94 8.47 -12.08 11.50
N GLN A 94 8.43 -12.07 11.51
CA GLN A 94 7.69 -11.76 10.28
CA GLN A 94 7.81 -11.70 10.26
CA GLN A 94 7.74 -11.70 10.25
C GLN A 94 8.44 -12.06 8.98
C GLN A 94 8.55 -12.22 9.03
C GLN A 94 8.52 -12.15 9.01
N SER A 95 7.83 -12.90 8.16
CA SER A 95 8.37 -13.34 6.88
C SER A 95 8.44 -12.18 5.90
N MET A 96 9.55 -12.16 5.18
CA MET A 96 9.75 -11.23 4.10
C MET A 96 9.43 -11.85 2.74
N SER A 97 8.79 -13.01 2.71
CA SER A 97 8.40 -13.62 1.44
C SER A 97 7.38 -12.73 0.73
N ALA A 98 7.32 -12.84 -0.59
CA ALA A 98 6.44 -11.98 -1.37
C ALA A 98 4.96 -12.09 -0.98
N ALA A 99 4.53 -13.25 -0.50
CA ALA A 99 3.13 -13.46 -0.11
C ALA A 99 2.77 -12.76 1.19
N LYS A 100 3.78 -12.30 1.94
CA LYS A 100 3.59 -11.80 3.30
C LYS A 100 3.97 -10.33 3.47
N ILE A 101 4.34 -9.65 2.37
CA ILE A 101 4.65 -8.22 2.41
C ILE A 101 3.88 -7.50 1.31
N GLY A 102 3.74 -6.19 1.46
CA GLY A 102 2.82 -5.44 0.63
C GLY A 102 1.40 -5.72 1.04
N GLY A 103 0.46 -5.44 0.15
CA GLY A 103 -0.94 -5.50 0.52
C GLY A 103 -1.26 -4.49 1.60
N GLY A 104 -2.28 -4.79 2.38
CA GLY A 104 -2.71 -3.89 3.44
C GLY A 104 -3.49 -2.69 2.94
N MET A 105 -3.59 -1.67 3.81
CA MET A 105 -4.37 -0.47 3.52
C MET A 105 -3.49 0.60 2.91
N VAL A 106 -4.08 1.46 2.09
CA VAL A 106 -3.35 2.58 1.52
C VAL A 106 -3.01 3.60 2.62
N GLN A 107 -1.78 4.08 2.66
N GLN A 107 -1.78 4.06 2.67
CA GLN A 107 -1.37 5.09 3.64
CA GLN A 107 -1.38 5.09 3.64
C GLN A 107 -2.21 6.35 3.44
C GLN A 107 -2.23 6.34 3.45
N THR A 108 -2.43 7.09 4.51
CA THR A 108 -3.28 8.28 4.46
C THR A 108 -2.76 9.35 3.48
N GLY A 109 -3.71 10.05 2.86
CA GLY A 109 -3.39 11.24 2.07
C GLY A 109 -3.13 11.03 0.58
N GLN A 110 -3.38 9.83 0.08
N GLN A 110 -3.37 9.82 0.08
CA GLN A 110 -3.10 9.52 -1.32
CA GLN A 110 -3.13 9.47 -1.32
C GLN A 110 -4.40 9.63 -2.14
C GLN A 110 -4.41 9.64 -2.13
N THR A 111 -4.32 10.32 -3.27
CA THR A 111 -5.47 10.43 -4.15
C THR A 111 -5.60 9.13 -4.94
N LEU A 112 -6.72 8.45 -4.74
CA LEU A 112 -6.99 7.15 -5.34
C LEU A 112 -7.59 7.28 -6.73
N GLY A 113 -8.28 8.39 -6.98
CA GLY A 113 -8.89 8.66 -8.28
C GLY A 113 -9.78 9.89 -8.20
N THR A 114 -10.16 10.39 -9.37
CA THR A 114 -11.02 11.53 -9.51
C THR A 114 -12.20 11.15 -10.40
N ILE A 115 -13.40 11.46 -9.92
CA ILE A 115 -14.66 11.09 -10.57
C ILE A 115 -15.33 12.35 -11.10
N LYS A 116 -15.69 12.35 -12.39
CA LYS A 116 -16.48 13.46 -12.95
C LYS A 116 -17.94 13.30 -12.56
N VAL A 117 -18.52 14.35 -12.00
CA VAL A 117 -19.87 14.36 -11.45
C VAL A 117 -20.58 15.66 -11.84
N ALA A 118 -21.85 15.77 -11.45
CA ALA A 118 -22.65 16.97 -11.70
C ALA A 118 -23.66 17.12 -10.57
N ILE A 119 -23.25 17.78 -9.49
CA ILE A 119 -24.04 17.88 -8.28
C ILE A 119 -24.01 19.29 -7.70
N ASP A 120 -25.01 19.61 -6.89
CA ASP A 120 -25.00 20.84 -6.13
C ASP A 120 -24.27 20.67 -4.80
N SER A 121 -24.28 21.72 -3.98
CA SER A 121 -23.50 21.71 -2.73
C SER A 121 -24.06 20.73 -1.69
N SER A 122 -25.28 20.26 -1.87
CA SER A 122 -25.90 19.26 -1.02
C SER A 122 -25.77 17.83 -1.55
N GLY A 123 -25.17 17.64 -2.72
CA GLY A 123 -25.04 16.33 -3.33
C GLY A 123 -26.19 15.89 -4.22
N ALA A 124 -27.16 16.76 -4.47
CA ALA A 124 -28.25 16.47 -5.41
C ALA A 124 -27.79 16.67 -6.85
N ALA A 125 -28.40 15.96 -7.79
CA ALA A 125 -28.05 16.11 -9.21
C ALA A 125 -28.26 17.55 -9.64
N TRP A 126 -27.31 18.09 -10.40
CA TRP A 126 -27.39 19.43 -10.93
C TRP A 126 -28.44 19.48 -12.03
N SER A 127 -29.25 20.52 -12.04
CA SER A 127 -30.26 20.74 -13.08
C SER A 127 -30.41 22.23 -13.34
N SER A 128 -31.29 22.59 -14.27
CA SER A 128 -31.65 23.98 -14.53
C SER A 128 -32.29 24.65 -13.31
N GLY A 129 -32.74 23.85 -12.33
CA GLY A 129 -33.29 24.40 -11.09
C GLY A 129 -32.23 24.71 -10.03
N SER A 130 -31.02 24.22 -10.21
CA SER A 130 -29.97 24.36 -9.19
C SER A 130 -29.50 25.79 -9.05
N THR A 131 -28.98 26.12 -7.88
CA THR A 131 -28.33 27.40 -7.60
C THR A 131 -27.07 27.15 -6.79
N GLY A 132 -26.29 28.20 -6.59
CA GLY A 132 -24.97 28.07 -6.01
C GLY A 132 -23.98 27.54 -7.02
N GLN A 133 -22.91 26.95 -6.50
CA GLN A 133 -21.84 26.42 -7.31
C GLN A 133 -22.10 24.94 -7.61
N GLU A 134 -21.74 24.51 -8.82
CA GLU A 134 -21.78 23.09 -9.21
C GLU A 134 -20.44 22.42 -8.87
N THR A 135 -20.53 21.25 -8.24
CA THR A 135 -19.39 20.37 -8.11
C THR A 135 -19.32 19.48 -9.34
N THR A 136 -18.17 19.50 -10.00
CA THR A 136 -17.96 18.83 -11.28
C THR A 136 -16.94 17.69 -11.22
N GLN A 137 -16.14 17.60 -10.15
CA GLN A 137 -15.25 16.47 -9.91
C GLN A 137 -15.20 16.20 -8.44
N ILE A 138 -14.97 14.93 -8.08
CA ILE A 138 -14.68 14.55 -6.70
C ILE A 138 -13.38 13.76 -6.68
N ASN A 139 -12.42 14.23 -5.91
CA ASN A 139 -11.18 13.52 -5.64
C ASN A 139 -11.37 12.67 -4.40
N VAL A 140 -11.05 11.38 -4.51
CA VAL A 140 -11.20 10.42 -3.41
C VAL A 140 -9.81 10.14 -2.84
N VAL A 141 -9.66 10.45 -1.55
CA VAL A 141 -8.36 10.45 -0.90
C VAL A 141 -8.37 9.42 0.25
N SER A 142 -7.33 8.61 0.35
CA SER A 142 -7.25 7.61 1.40
C SER A 142 -7.11 8.25 2.79
N ASP A 143 -7.61 7.55 3.80
CA ASP A 143 -7.48 7.98 5.20
C ASP A 143 -6.53 7.14 6.04
N GLY A 144 -5.88 6.14 5.46
CA GLY A 144 -4.93 5.31 6.19
C GLY A 144 -5.57 4.18 6.97
N LYS A 145 -6.90 4.16 7.02
CA LYS A 145 -7.68 3.16 7.77
C LYS A 145 -8.63 2.39 6.85
N GLY A 146 -8.39 2.45 5.54
CA GLY A 146 -9.19 1.72 4.56
C GLY A 146 -10.40 2.48 4.03
N GLY A 147 -10.55 3.75 4.41
CA GLY A 147 -11.64 4.58 3.92
C GLY A 147 -11.14 5.88 3.32
N PHE A 148 -12.02 6.87 3.28
CA PHE A 148 -11.88 7.97 2.33
C PHE A 148 -12.23 9.33 2.91
N THR A 149 -11.57 10.36 2.38
CA THR A 149 -12.05 11.74 2.45
C THR A 149 -12.19 12.25 1.01
N PHE A 150 -12.82 13.41 0.85
CA PHE A 150 -13.29 13.86 -0.46
C PHE A 150 -13.10 15.35 -0.67
N THR A 151 -12.58 15.73 -1.84
CA THR A 151 -12.49 17.13 -2.22
C THR A 151 -13.14 17.31 -3.61
N ASP A 152 -13.48 18.56 -3.92
CA ASP A 152 -14.07 18.93 -5.19
C ASP A 152 -13.00 19.32 -6.23
N GLN A 153 -13.47 19.79 -7.38
CA GLN A 153 -12.58 20.11 -8.49
C GLN A 153 -11.61 21.22 -8.16
N ASN A 154 -11.91 22.02 -7.14
CA ASN A 154 -11.01 23.06 -6.69
C ASN A 154 -10.27 22.69 -5.40
N ASN A 155 -10.24 21.41 -5.10
CA ASN A 155 -9.50 20.89 -3.94
C ASN A 155 -10.08 21.33 -2.60
N GLN A 156 -11.36 21.73 -2.57
CA GLN A 156 -12.04 22.06 -1.31
C GLN A 156 -12.80 20.84 -0.81
N ALA A 157 -12.75 20.58 0.49
CA ALA A 157 -13.53 19.49 1.04
C ALA A 157 -14.99 19.61 0.65
N LEU A 158 -15.61 18.48 0.29
N LEU A 158 -15.62 18.49 0.29
N LEU A 158 -15.62 18.49 0.29
CA LEU A 158 -17.06 18.45 0.12
CA LEU A 158 -17.07 18.45 0.14
CA LEU A 158 -17.06 18.46 0.14
C LEU A 158 -17.71 18.70 1.48
C LEU A 158 -17.70 18.74 1.49
C LEU A 158 -17.68 18.76 1.49
N SER A 159 -18.89 19.32 1.50
CA SER A 159 -19.63 19.48 2.74
C SER A 159 -19.96 18.11 3.29
N SER A 160 -20.12 18.00 4.60
N SER A 160 -20.11 18.03 4.60
CA SER A 160 -20.50 16.72 5.18
CA SER A 160 -20.56 16.79 5.24
C SER A 160 -21.86 16.24 4.63
C SER A 160 -21.83 16.27 4.58
N THR A 161 -22.78 17.17 4.35
CA THR A 161 -24.05 16.82 3.70
C THR A 161 -23.82 16.16 2.34
N ALA A 162 -22.97 16.74 1.51
CA ALA A 162 -22.70 16.18 0.19
C ALA A 162 -22.00 14.83 0.28
N VAL A 163 -21.04 14.68 1.19
CA VAL A 163 -20.38 13.40 1.35
C VAL A 163 -21.42 12.31 1.64
N THR A 164 -22.26 12.54 2.65
CA THR A 164 -23.26 11.56 3.03
C THR A 164 -24.22 11.30 1.86
N ALA A 165 -24.64 12.38 1.21
CA ALA A 165 -25.66 12.29 0.14
C ALA A 165 -25.20 11.54 -1.09
N VAL A 166 -23.89 11.56 -1.37
CA VAL A 166 -23.31 10.91 -2.55
C VAL A 166 -22.79 9.51 -2.21
N PHE A 167 -22.08 9.38 -1.09
CA PHE A 167 -21.31 8.17 -0.78
C PHE A 167 -21.91 7.33 0.33
N GLY A 168 -22.97 7.80 0.98
CA GLY A 168 -23.54 7.08 2.09
C GLY A 168 -22.78 7.31 3.39
N SER A 169 -23.12 6.54 4.41
N SER A 169 -23.14 6.53 4.41
CA SER A 169 -22.62 6.79 5.77
CA SER A 169 -22.74 6.77 5.80
C SER A 169 -21.47 5.88 6.23
C SER A 169 -21.54 5.94 6.23
N SER A 170 -21.06 4.88 5.42
N SER A 170 -20.81 5.37 5.26
CA SER A 170 -19.77 4.14 5.69
CA SER A 170 -19.91 4.24 5.55
C SER A 170 -18.53 4.51 4.85
C SER A 170 -18.57 4.53 4.82
N THR A 171 -18.11 5.76 4.90
CA THR A 171 -16.89 6.20 4.18
C THR A 171 -15.63 6.24 5.04
N ALA A 172 -15.77 6.42 6.36
CA ALA A 172 -14.61 6.54 7.23
C ALA A 172 -14.01 5.17 7.52
N GLY A 173 -12.71 5.03 7.32
CA GLY A 173 -12.03 3.79 7.61
C GLY A 173 -12.01 3.47 9.08
N THR A 174 -12.00 2.18 9.39
CA THR A 174 -11.94 1.70 10.78
C THR A 174 -10.77 0.74 10.99
N GLY A 175 -9.96 0.48 9.96
CA GLY A 175 -8.90 -0.49 10.05
C GLY A 175 -7.70 0.04 10.82
N THR A 176 -6.89 -0.90 11.32
CA THR A 176 -5.62 -0.61 11.95
C THR A 176 -4.55 -1.48 11.27
N ALA A 177 -3.27 -1.15 11.46
CA ALA A 177 -2.21 -2.00 10.91
C ALA A 177 -2.35 -3.44 11.42
N ALA A 178 -2.67 -3.60 12.70
CA ALA A 178 -2.83 -4.92 13.31
C ALA A 178 -4.08 -5.69 12.82
N SER A 179 -5.14 -4.94 12.51
CA SER A 179 -6.41 -5.51 12.03
C SER A 179 -6.93 -4.66 10.86
N PRO A 180 -6.36 -4.87 9.67
CA PRO A 180 -6.76 -4.03 8.54
C PRO A 180 -8.21 -4.30 8.12
N SER A 181 -8.86 -3.29 7.55
N SER A 181 -8.84 -3.27 7.56
CA SER A 181 -10.17 -3.46 6.94
CA SER A 181 -10.22 -3.31 7.11
C SER A 181 -10.44 -2.32 5.99
C SER A 181 -10.35 -2.37 5.90
N PHE A 182 -11.40 -2.56 5.09
CA PHE A 182 -11.56 -1.79 3.87
C PHE A 182 -13.01 -1.37 3.69
N GLN A 183 -13.22 -0.09 3.43
N GLN A 183 -13.22 -0.09 3.43
CA GLN A 183 -14.52 0.38 3.03
CA GLN A 183 -14.53 0.41 3.04
C GLN A 183 -14.68 0.14 1.55
C GLN A 183 -14.69 0.27 1.54
N THR A 184 -15.95 0.09 1.12
CA THR A 184 -16.32 -0.05 -0.30
C THR A 184 -16.87 1.30 -0.78
N LEU A 185 -16.19 1.95 -1.74
CA LEU A 185 -16.70 3.18 -2.28
C LEU A 185 -17.94 2.88 -3.10
N ALA A 186 -19.00 3.64 -2.85
CA ALA A 186 -20.28 3.54 -3.54
C ALA A 186 -20.71 4.94 -3.97
N LEU A 187 -20.98 5.11 -5.26
CA LEU A 187 -21.32 6.41 -5.84
C LEU A 187 -22.81 6.47 -6.15
N SER A 188 -23.48 7.52 -5.69
CA SER A 188 -24.91 7.67 -5.92
C SER A 188 -25.21 7.77 -7.40
N THR A 189 -26.40 7.33 -7.79
N THR A 189 -26.40 7.30 -7.77
CA THR A 189 -26.83 7.57 -9.16
CA THR A 189 -26.94 7.50 -9.12
C THR A 189 -26.99 9.08 -9.43
C THR A 189 -27.03 8.99 -9.42
N SER A 190 -27.42 9.83 -8.42
N SER A 190 -27.41 9.76 -8.41
CA SER A 190 -27.58 11.28 -8.55
CA SER A 190 -27.58 11.20 -8.55
C SER A 190 -26.28 12.00 -8.88
C SER A 190 -26.30 11.94 -8.94
N ALA A 191 -25.14 11.41 -8.54
CA ALA A 191 -23.86 12.06 -8.84
C ALA A 191 -23.59 12.21 -10.34
N THR A 192 -24.14 11.32 -11.17
CA THR A 192 -23.85 11.35 -12.60
C THR A 192 -25.09 11.32 -13.49
N SER A 193 -26.28 11.32 -12.91
CA SER A 193 -27.50 11.18 -13.73
C SER A 193 -27.69 12.31 -14.72
N ALA A 194 -27.10 13.48 -14.43
CA ALA A 194 -27.23 14.61 -15.33
C ALA A 194 -26.25 14.57 -16.49
N LEU A 195 -25.27 13.66 -16.42
CA LEU A 195 -24.22 13.53 -17.41
C LEU A 195 -24.58 12.51 -18.50
N SER A 196 -23.80 12.48 -19.58
CA SER A 196 -23.99 11.55 -20.68
C SER A 196 -23.81 10.09 -20.23
N ALA A 197 -24.32 9.16 -21.04
CA ALA A 197 -24.11 7.73 -20.79
C ALA A 197 -22.63 7.39 -20.70
N THR A 198 -21.81 8.00 -21.56
N THR A 198 -21.81 7.99 -21.58
CA THR A 198 -20.39 7.74 -21.55
CA THR A 198 -20.37 7.75 -21.53
C THR A 198 -19.75 8.24 -20.25
C THR A 198 -19.77 8.22 -20.21
N ASP A 199 -20.13 9.43 -19.79
CA ASP A 199 -19.60 9.92 -18.52
C ASP A 199 -20.06 9.04 -17.35
N GLN A 200 -21.29 8.54 -17.40
CA GLN A 200 -21.78 7.65 -16.35
C GLN A 200 -20.93 6.37 -16.31
N ALA A 201 -20.63 5.80 -17.48
CA ALA A 201 -19.78 4.61 -17.58
C ALA A 201 -18.36 4.92 -17.11
N ASN A 202 -17.82 6.08 -17.46
CA ASN A 202 -16.48 6.44 -17.02
C ASN A 202 -16.42 6.51 -15.50
N ALA A 203 -17.45 7.07 -14.87
CA ALA A 203 -17.50 7.17 -13.41
C ALA A 203 -17.54 5.79 -12.75
N THR A 204 -18.38 4.90 -13.26
CA THR A 204 -18.45 3.54 -12.77
C THR A 204 -17.09 2.86 -12.83
N ALA A 205 -16.39 3.04 -13.95
CA ALA A 205 -15.06 2.48 -14.12
C ALA A 205 -14.07 3.07 -13.11
N MET A 206 -14.16 4.38 -12.87
N MET A 206 -14.17 4.38 -12.88
CA MET A 206 -13.28 5.01 -11.89
CA MET A 206 -13.30 5.04 -11.90
C MET A 206 -13.55 4.52 -10.47
C MET A 206 -13.56 4.53 -10.48
N VAL A 207 -14.81 4.33 -10.12
CA VAL A 207 -15.15 3.77 -8.81
C VAL A 207 -14.57 2.35 -8.66
N ALA A 208 -14.65 1.53 -9.71
CA ALA A 208 -14.03 0.21 -9.70
C ALA A 208 -12.52 0.30 -9.50
N GLN A 209 -11.87 1.22 -10.22
N GLN A 209 -11.87 1.21 -10.19
CA GLN A 209 -10.42 1.50 -10.05
CA GLN A 209 -10.44 1.36 -10.04
C GLN A 209 -10.13 1.77 -8.60
C GLN A 209 -10.05 1.85 -8.64
N ILE A 210 -10.81 2.78 -8.07
CA ILE A 210 -10.58 3.21 -6.70
C ILE A 210 -10.73 2.05 -5.71
N ASN A 211 -11.78 1.25 -5.88
CA ASN A 211 -11.98 0.11 -4.97
C ASN A 211 -10.85 -0.92 -5.07
N ALA A 212 -10.30 -1.13 -6.26
CA ALA A 212 -9.18 -2.05 -6.45
C ALA A 212 -7.89 -1.49 -5.86
N VAL A 213 -7.59 -0.21 -6.11
CA VAL A 213 -6.39 0.44 -5.56
C VAL A 213 -6.44 0.47 -4.03
N ASN A 214 -7.65 0.58 -3.47
CA ASN A 214 -7.85 0.54 -2.04
C ASN A 214 -7.50 -0.79 -1.40
N LYS A 215 -7.50 -1.86 -2.20
N LYS A 215 -7.50 -1.87 -2.21
N LYS A 215 -7.46 -1.86 -2.21
CA LYS A 215 -7.24 -3.23 -1.73
CA LYS A 215 -7.26 -3.23 -1.77
CA LYS A 215 -7.23 -3.21 -1.71
C LYS A 215 -6.13 -3.86 -2.58
C LYS A 215 -6.13 -3.87 -2.59
C LYS A 215 -6.13 -3.87 -2.56
N PRO A 216 -4.90 -3.33 -2.47
CA PRO A 216 -3.81 -3.86 -3.28
C PRO A 216 -3.44 -5.30 -2.90
N GLN A 217 -2.93 -6.03 -3.87
CA GLN A 217 -2.41 -7.37 -3.62
C GLN A 217 -1.09 -7.31 -2.84
N THR A 218 -0.73 -8.43 -2.20
CA THR A 218 0.63 -8.59 -1.70
C THR A 218 1.62 -8.60 -2.87
N VAL A 219 2.91 -8.44 -2.57
CA VAL A 219 3.93 -8.37 -3.62
C VAL A 219 3.84 -9.60 -4.54
N SER A 220 3.54 -10.76 -3.98
CA SER A 220 3.42 -12.01 -4.74
C SER A 220 2.48 -11.93 -5.93
N ASN A 221 1.38 -11.19 -5.79
CA ASN A 221 0.33 -11.17 -6.80
C ASN A 221 0.20 -9.84 -7.54
N LEU A 222 1.26 -9.02 -7.54
CA LEU A 222 1.26 -7.80 -8.32
C LEU A 222 1.36 -8.06 -9.81
N ASP A 223 0.59 -7.28 -10.58
CA ASP A 223 0.62 -7.36 -12.03
C ASP A 223 0.42 -5.96 -12.57
N ILE A 224 1.43 -5.45 -13.27
CA ILE A 224 1.44 -4.05 -13.74
C ILE A 224 1.03 -3.92 -15.20
N SER A 225 0.49 -4.99 -15.77
CA SER A 225 0.14 -5.01 -17.17
C SER A 225 -1.19 -4.32 -17.46
N THR A 226 -1.88 -3.85 -16.41
CA THR A 226 -3.05 -2.99 -16.56
C THR A 226 -2.83 -1.77 -15.70
N GLN A 227 -3.51 -0.68 -16.02
N GLN A 227 -3.52 -0.69 -16.02
CA GLN A 227 -3.34 0.59 -15.30
CA GLN A 227 -3.32 0.56 -15.30
C GLN A 227 -3.71 0.44 -13.82
C GLN A 227 -3.69 0.41 -13.83
N THR A 228 -4.83 -0.21 -13.56
CA THR A 228 -5.28 -0.46 -12.19
C THR A 228 -4.25 -1.30 -11.45
N GLY A 229 -3.71 -2.32 -12.10
CA GLY A 229 -2.71 -3.18 -11.48
C GLY A 229 -1.43 -2.45 -11.16
N ALA A 230 -1.01 -1.54 -12.03
CA ALA A 230 0.15 -0.70 -11.80
C ALA A 230 -0.04 0.23 -10.58
N TYR A 231 -1.22 0.84 -10.50
CA TYR A 231 -1.54 1.67 -9.34
C TYR A 231 -1.57 0.83 -8.05
N GLN A 232 -2.16 -0.37 -8.10
CA GLN A 232 -2.13 -1.25 -6.94
C GLN A 232 -0.69 -1.57 -6.53
N ALA A 233 0.18 -1.79 -7.51
CA ALA A 233 1.59 -2.10 -7.23
C ALA A 233 2.30 -0.94 -6.54
N MET A 234 2.01 0.29 -6.93
CA MET A 234 2.64 1.44 -6.30
C MET A 234 2.31 1.48 -4.80
N VAL A 235 1.03 1.29 -4.46
CA VAL A 235 0.59 1.27 -3.05
C VAL A 235 1.22 0.09 -2.33
N SER A 236 1.15 -1.09 -2.93
CA SER A 236 1.67 -2.29 -2.31
C SER A 236 3.16 -2.17 -2.01
N ILE A 237 3.93 -1.64 -2.96
CA ILE A 237 5.36 -1.45 -2.75
C ILE A 237 5.65 -0.39 -1.68
N ASP A 238 4.89 0.71 -1.68
CA ASP A 238 5.05 1.68 -0.60
C ASP A 238 4.90 0.98 0.78
N ASN A 239 3.91 0.12 0.88
CA ASN A 239 3.66 -0.61 2.14
C ASN A 239 4.73 -1.62 2.45
N ALA A 240 5.19 -2.35 1.45
CA ALA A 240 6.27 -3.32 1.64
C ALA A 240 7.56 -2.63 2.09
N LEU A 241 7.89 -1.51 1.46
CA LEU A 241 9.07 -0.74 1.85
C LEU A 241 8.97 -0.23 3.28
N ALA A 242 7.79 0.23 3.69
CA ALA A 242 7.58 0.63 5.07
C ALA A 242 7.84 -0.53 6.03
N THR A 243 7.33 -1.72 5.70
CA THR A 243 7.58 -2.90 6.51
C THR A 243 9.07 -3.22 6.64
N VAL A 244 9.77 -3.17 5.52
CA VAL A 244 11.22 -3.40 5.51
C VAL A 244 11.97 -2.34 6.32
N ASN A 245 11.58 -1.07 6.15
N ASN A 245 11.65 -1.07 6.07
CA ASN A 245 12.18 0.00 6.93
CA ASN A 245 12.36 0.03 6.70
C ASN A 245 11.90 -0.13 8.43
C ASN A 245 12.20 -0.03 8.21
N ASN A 246 10.69 -0.53 8.82
N ASN A 246 10.97 -0.39 8.62
CA ASN A 246 10.44 -0.72 10.25
CA ASN A 246 10.61 -0.59 10.04
C ASN A 246 11.39 -1.77 10.79
C ASN A 246 11.42 -1.71 10.71
N LEU A 247 11.56 -2.85 10.04
CA LEU A 247 12.40 -3.95 10.52
C LEU A 247 13.87 -3.56 10.57
N GLN A 248 14.36 -2.88 9.54
N GLN A 248 14.37 -2.86 9.55
CA GLN A 248 15.72 -2.32 9.56
CA GLN A 248 15.74 -2.36 9.59
C GLN A 248 15.96 -1.47 10.81
C GLN A 248 15.99 -1.43 10.79
N ALA A 249 15.00 -0.60 11.13
CA ALA A 249 15.11 0.28 12.30
C ALA A 249 15.23 -0.53 13.58
N THR A 250 14.45 -1.61 13.71
N THR A 250 14.43 -1.60 13.68
CA THR A 250 14.53 -2.44 14.91
CA THR A 250 14.45 -2.51 14.83
C THR A 250 15.85 -3.18 14.99
C THR A 250 15.81 -3.19 14.97
N LEU A 251 16.34 -3.69 13.86
CA LEU A 251 17.67 -4.32 13.84
C LEU A 251 18.73 -3.33 14.28
N GLY A 252 18.65 -2.10 13.79
CA GLY A 252 19.59 -1.04 14.16
C GLY A 252 19.56 -0.70 15.64
N ALA A 253 18.36 -0.64 16.21
CA ALA A 253 18.20 -0.35 17.63
C ALA A 253 18.85 -1.46 18.47
N ALA A 254 18.70 -2.71 18.01
CA ALA A 254 19.34 -3.85 18.68
C ALA A 254 20.86 -3.78 18.55
N GLN A 255 21.37 -3.53 17.36
N GLN A 255 21.34 -3.47 17.36
CA GLN A 255 22.82 -3.38 17.18
CA GLN A 255 22.77 -3.24 17.11
C GLN A 255 23.39 -2.35 18.15
C GLN A 255 23.39 -2.14 17.99
N ASN A 256 22.71 -1.22 18.28
N ASN A 256 22.59 -1.13 18.33
CA ASN A 256 23.15 -0.12 19.13
CA ASN A 256 23.07 -0.04 19.17
C ASN A 256 23.32 -0.54 20.58
C ASN A 256 23.26 -0.48 20.63
N ARG A 257 22.47 -1.46 21.05
CA ARG A 257 22.55 -1.96 22.42
C ARG A 257 23.75 -2.90 22.65
N PHE A 258 24.26 -3.52 21.59
CA PHE A 258 25.49 -4.31 21.71
C PHE A 258 26.68 -3.36 21.88
#